data_4QXQ
#
_entry.id   4QXQ
#
_cell.length_a   147.954
_cell.length_b   147.954
_cell.length_c   36.122
_cell.angle_alpha   90.00
_cell.angle_beta   90.00
_cell.angle_gamma   120.00
#
_symmetry.space_group_name_H-M   'P 6'
#
loop_
_entity.id
_entity.type
_entity.pdbx_description
1 polymer 'Stimulator of interferon genes protein'
2 non-polymer '(5,6-dimethyl-9-oxo-9H-xanthen-4-yl)acetic acid'
3 non-polymer 'SULFATE ION'
4 water water
#
_entity_poly.entity_id   1
_entity_poly.type   'polypeptide(L)'
_entity_poly.pdbx_seq_one_letter_code
;SVAHGLAWAYYIGYLRLILPELQARIRTYNQHYNNLLRGAVSQRLYILLPLDCGVPDNLSMADPNIRFLDKLPQQTGDRA
GIKDRVYSNSIYELLENGQRAGTCVLEYATPLITLFAMSQYSQAGFSREDRLEQAKLFCRTLEDILADAPESQNNCRLIA
YQEPADDSSFSLSQEVLRHLRQEEKEEV
;
_entity_poly.pdbx_strand_id   A,B
#
loop_
_chem_comp.id
_chem_comp.type
_chem_comp.name
_chem_comp.formula
1YE non-polymer '(5,6-dimethyl-9-oxo-9H-xanthen-4-yl)acetic acid' 'C17 H14 O4'
SO4 non-polymer 'SULFATE ION' 'O4 S -2'
#
# COMPACT_ATOMS: atom_id res chain seq x y z
N SER A 1 -6.16 18.09 -4.20
CA SER A 1 -6.39 17.27 -5.39
C SER A 1 -6.12 15.82 -5.06
N VAL A 2 -6.99 14.90 -5.46
CA VAL A 2 -6.78 13.51 -5.06
C VAL A 2 -5.57 12.91 -5.77
N ALA A 3 -5.36 13.30 -7.03
CA ALA A 3 -4.22 12.77 -7.79
C ALA A 3 -2.89 13.19 -7.17
N HIS A 4 -2.78 14.45 -6.85
CA HIS A 4 -1.59 14.96 -6.19
C HIS A 4 -1.23 14.07 -4.98
N GLY A 5 -2.22 13.84 -4.12
CA GLY A 5 -2.01 13.10 -2.90
C GLY A 5 -1.68 11.63 -3.20
N LEU A 6 -2.29 11.07 -4.23
CA LEU A 6 -2.11 9.66 -4.56
C LEU A 6 -0.70 9.45 -5.11
N ALA A 7 -0.22 10.40 -5.91
CA ALA A 7 1.10 10.29 -6.56
C ALA A 7 2.20 10.31 -5.47
N TRP A 8 2.08 11.26 -4.56
CA TRP A 8 2.95 11.33 -3.38
C TRP A 8 2.86 10.08 -2.54
N ALA A 9 1.64 9.59 -2.34
CA ALA A 9 1.49 8.37 -1.57
C ALA A 9 2.16 7.17 -2.29
N TYR A 10 2.05 7.11 -3.60
CA TYR A 10 2.57 5.95 -4.31
C TYR A 10 4.11 5.99 -4.29
N TYR A 11 4.67 7.20 -4.28
CA TYR A 11 6.13 7.38 -4.17
C TYR A 11 6.65 7.10 -2.77
N ILE A 12 5.97 7.64 -1.79
CA ILE A 12 6.43 7.58 -0.41
C ILE A 12 6.17 6.22 0.20
N GLY A 13 5.09 5.59 -0.19
CA GLY A 13 4.71 4.32 0.33
C GLY A 13 4.94 3.11 -0.55
N TYR A 14 5.57 3.30 -1.68
CA TYR A 14 5.95 2.17 -2.51
C TYR A 14 7.25 2.32 -3.25
N LEU A 15 7.33 3.28 -4.15
CA LEU A 15 8.44 3.39 -5.04
C LEU A 15 9.75 3.61 -4.32
N ARG A 16 9.74 4.47 -3.34
CA ARG A 16 10.97 4.88 -2.67
C ARG A 16 11.40 3.77 -1.71
N LEU A 17 10.50 2.82 -1.48
CA LEU A 17 10.82 1.61 -0.71
C LEU A 17 11.31 0.49 -1.63
N ILE A 18 10.80 0.42 -2.84
CA ILE A 18 11.13 -0.72 -3.71
C ILE A 18 12.30 -0.42 -4.65
N LEU A 19 12.37 0.80 -5.17
CA LEU A 19 13.34 1.12 -6.20
C LEU A 19 14.82 1.05 -5.75
N PRO A 20 15.16 1.54 -4.55
CA PRO A 20 16.57 1.48 -4.16
C PRO A 20 17.23 0.11 -4.31
N GLU A 21 16.53 -0.98 -4.02
CA GLU A 21 17.16 -2.29 -4.08
C GLU A 21 16.77 -3.06 -5.31
N LEU A 22 16.16 -2.42 -6.28
CA LEU A 22 15.62 -3.18 -7.40
C LEU A 22 16.73 -3.76 -8.31
N GLN A 23 17.65 -2.91 -8.75
CA GLN A 23 18.73 -3.37 -9.65
C GLN A 23 19.51 -4.53 -9.06
N ALA A 24 19.75 -4.48 -7.76
CA ALA A 24 20.49 -5.54 -7.08
C ALA A 24 19.67 -6.81 -7.14
N ARG A 25 18.37 -6.69 -6.93
CA ARG A 25 17.53 -7.88 -6.99
C ARG A 25 17.53 -8.51 -8.37
N ILE A 26 17.53 -7.64 -9.38
CA ILE A 26 17.54 -8.03 -10.77
C ILE A 26 18.90 -8.62 -11.17
N ARG A 27 19.98 -7.94 -10.76
CA ARG A 27 21.35 -8.36 -11.04
C ARG A 27 21.54 -9.76 -10.45
N THR A 28 20.99 -9.93 -9.26
CA THR A 28 21.05 -11.19 -8.54
C THR A 28 20.26 -12.28 -9.25
N TYR A 29 19.06 -11.92 -9.67
CA TYR A 29 18.21 -12.87 -10.37
C TYR A 29 18.92 -13.35 -11.61
N ASN A 30 19.57 -12.41 -12.29
CA ASN A 30 20.22 -12.71 -13.56
C ASN A 30 21.44 -13.58 -13.40
N GLN A 31 21.82 -13.86 -12.15
CA GLN A 31 22.98 -14.70 -11.87
C GLN A 31 22.52 -16.08 -11.44
N HIS A 32 21.67 -16.12 -10.42
CA HIS A 32 21.18 -17.40 -9.91
C HIS A 32 20.38 -18.20 -10.92
N TYR A 33 19.63 -17.50 -11.78
CA TYR A 33 18.67 -18.17 -12.64
C TYR A 33 18.92 -17.91 -14.11
N ASN A 34 20.13 -17.48 -14.42
CA ASN A 34 20.55 -17.25 -15.81
C ASN A 34 20.48 -18.55 -16.64
N ASN A 35 20.77 -19.68 -16.02
CA ASN A 35 20.69 -20.97 -16.71
C ASN A 35 19.25 -21.41 -16.95
N LEU A 36 18.34 -20.95 -16.10
CA LEU A 36 16.92 -21.28 -16.19
C LEU A 36 16.20 -20.34 -17.14
N LEU A 37 16.58 -19.08 -17.10
CA LEU A 37 15.96 -18.06 -17.91
C LEU A 37 16.48 -18.10 -19.34
N ARG A 38 17.78 -18.37 -19.49
CA ARG A 38 18.49 -18.32 -20.77
C ARG A 38 18.25 -16.99 -21.44
N GLY A 39 18.38 -15.94 -20.66
CA GLY A 39 18.08 -14.60 -21.10
C GLY A 39 18.42 -13.68 -19.95
N ALA A 40 18.19 -12.39 -20.15
CA ALA A 40 18.38 -11.43 -19.08
C ALA A 40 17.08 -10.69 -18.97
N VAL A 41 16.67 -10.38 -17.74
CA VAL A 41 15.59 -9.46 -17.58
C VAL A 41 16.18 -8.07 -17.59
N SER A 42 15.40 -7.11 -18.06
CA SER A 42 15.82 -5.72 -18.11
C SER A 42 15.85 -5.15 -16.70
N GLN A 43 16.56 -4.04 -16.53
CA GLN A 43 16.84 -3.57 -15.18
C GLN A 43 15.92 -2.48 -14.65
N ARG A 44 15.01 -2.00 -15.46
CA ARG A 44 14.10 -0.97 -14.98
C ARG A 44 12.80 -1.61 -14.48
N LEU A 45 12.04 -0.87 -13.70
CA LEU A 45 10.72 -1.32 -13.34
C LEU A 45 9.78 -0.60 -14.27
N TYR A 46 8.90 -1.35 -14.89
CA TYR A 46 7.98 -0.75 -15.82
C TYR A 46 6.60 -0.64 -15.23
N ILE A 47 6.11 0.59 -15.19
CA ILE A 47 4.86 0.89 -14.49
C ILE A 47 3.84 1.30 -15.52
N LEU A 48 2.81 0.47 -15.64
CA LEU A 48 1.76 0.70 -16.61
C LEU A 48 0.77 1.67 -16.02
N LEU A 49 0.44 2.71 -16.76
CA LEU A 49 -0.58 3.67 -16.35
C LEU A 49 -1.65 3.80 -17.41
N PRO A 50 -2.64 2.90 -17.38
CA PRO A 50 -3.75 3.08 -18.31
C PRO A 50 -4.62 4.22 -17.81
N LEU A 51 -4.85 5.23 -18.64
CA LEU A 51 -5.61 6.39 -18.22
C LEU A 51 -7.13 6.12 -18.05
N ASP A 52 -7.65 5.10 -18.72
CA ASP A 52 -9.02 4.68 -18.46
C ASP A 52 -9.10 3.97 -17.07
N CYS A 53 -7.94 3.81 -16.43
CA CYS A 53 -7.84 3.29 -15.06
C CYS A 53 -8.35 1.85 -14.90
N GLY A 54 -8.50 1.11 -16.00
CA GLY A 54 -8.86 -0.29 -15.94
C GLY A 54 -7.66 -1.15 -15.58
N VAL A 55 -7.70 -1.74 -14.38
CA VAL A 55 -6.59 -2.57 -13.90
C VAL A 55 -7.10 -3.97 -13.67
N PRO A 56 -6.66 -4.92 -14.50
CA PRO A 56 -7.16 -6.30 -14.46
C PRO A 56 -6.53 -6.99 -13.25
N ASP A 57 -7.17 -8.04 -12.78
CA ASP A 57 -6.67 -8.79 -11.63
C ASP A 57 -5.42 -9.59 -11.96
N ASN A 58 -5.30 -10.00 -13.21
CA ASN A 58 -4.08 -10.60 -13.69
C ASN A 58 -3.59 -10.00 -14.98
N LEU A 59 -2.45 -9.33 -14.88
CA LEU A 59 -1.80 -8.72 -16.02
C LEU A 59 -1.60 -9.74 -17.12
N SER A 60 -1.27 -10.95 -16.67
CA SER A 60 -1.05 -12.10 -17.55
C SER A 60 -2.27 -12.43 -18.42
N MET A 61 -3.40 -11.81 -18.10
CA MET A 61 -4.67 -12.07 -18.79
C MET A 61 -5.11 -10.92 -19.68
N ALA A 62 -4.67 -9.71 -19.36
CA ALA A 62 -5.05 -8.51 -20.13
C ALA A 62 -4.63 -8.52 -21.59
N ASP A 63 -3.42 -9.00 -21.87
CA ASP A 63 -3.00 -9.23 -23.22
C ASP A 63 -2.49 -10.65 -23.23
N PRO A 64 -2.92 -11.44 -24.22
CA PRO A 64 -2.37 -12.81 -24.32
C PRO A 64 -0.86 -12.86 -24.66
N ASN A 65 -0.31 -11.78 -25.18
CA ASN A 65 1.13 -11.73 -25.49
C ASN A 65 2.02 -11.26 -24.32
N ILE A 66 1.45 -11.23 -23.13
CA ILE A 66 2.21 -10.97 -21.91
C ILE A 66 1.97 -12.13 -20.97
N ARG A 67 2.98 -12.97 -20.79
CA ARG A 67 2.89 -14.12 -19.90
C ARG A 67 3.82 -13.94 -18.73
N PHE A 68 3.33 -14.37 -17.56
CA PHE A 68 4.13 -14.44 -16.36
C PHE A 68 5.22 -15.51 -16.57
N LEU A 69 6.46 -15.22 -16.18
CA LEU A 69 7.42 -16.31 -16.16
C LEU A 69 8.06 -16.63 -14.81
N ASP A 70 8.21 -15.61 -13.97
CA ASP A 70 8.81 -15.85 -12.67
C ASP A 70 8.71 -14.67 -11.72
N LYS A 71 8.97 -14.90 -10.45
CA LYS A 71 9.05 -13.81 -9.49
C LYS A 71 10.49 -13.43 -9.25
N LEU A 72 10.72 -12.17 -8.90
CA LEU A 72 12.01 -11.73 -8.37
C LEU A 72 12.24 -12.23 -6.95
N PRO A 73 13.50 -12.31 -6.52
CA PRO A 73 13.73 -12.66 -5.10
C PRO A 73 13.16 -11.55 -4.22
N GLN A 74 12.64 -11.97 -3.08
CA GLN A 74 11.88 -11.09 -2.22
C GLN A 74 12.71 -10.02 -1.49
N GLN A 75 12.00 -9.00 -1.08
CA GLN A 75 12.57 -7.96 -0.25
C GLN A 75 11.71 -7.88 1.00
N THR A 76 12.36 -7.68 2.14
CA THR A 76 11.65 -7.53 3.41
C THR A 76 11.74 -6.09 3.92
N GLY A 77 10.61 -5.56 4.41
CA GLY A 77 10.53 -4.18 4.86
C GLY A 77 11.10 -4.04 6.26
N ASP A 78 12.01 -3.08 6.43
CA ASP A 78 12.55 -2.76 7.75
C ASP A 78 12.44 -1.26 7.99
N ARG A 79 11.21 -0.77 7.97
CA ARG A 79 10.94 0.65 7.92
C ARG A 79 9.54 0.84 8.46
N ALA A 80 9.23 2.06 8.87
CA ALA A 80 7.88 2.35 9.35
C ALA A 80 6.79 2.00 8.33
N GLY A 81 5.79 1.26 8.78
CA GLY A 81 4.64 0.90 7.98
C GLY A 81 4.80 -0.39 7.18
N ILE A 82 6.03 -0.84 7.00
CA ILE A 82 6.26 -2.08 6.27
C ILE A 82 7.18 -3.05 6.99
N LYS A 83 7.38 -2.83 8.29
CA LYS A 83 8.27 -3.69 9.06
C LYS A 83 7.85 -5.16 8.95
N ASP A 84 8.79 -6.01 8.52
CA ASP A 84 8.57 -7.44 8.28
C ASP A 84 7.55 -7.80 7.19
N ARG A 85 7.25 -6.83 6.32
CA ARG A 85 6.34 -7.05 5.20
C ARG A 85 7.12 -7.61 4.02
N VAL A 86 6.51 -8.54 3.28
CA VAL A 86 7.22 -9.16 2.18
C VAL A 86 6.71 -8.74 0.81
N TYR A 87 7.57 -8.06 0.04
CA TYR A 87 7.26 -7.60 -1.33
C TYR A 87 7.94 -8.49 -2.35
N SER A 88 7.21 -8.91 -3.38
CA SER A 88 7.86 -9.57 -4.49
C SER A 88 7.52 -8.78 -5.73
N ASN A 89 8.14 -9.12 -6.85
CA ASN A 89 7.82 -8.52 -8.12
C ASN A 89 7.82 -9.58 -9.18
N SER A 90 7.02 -9.38 -10.20
CA SER A 90 6.85 -10.42 -11.18
C SER A 90 7.62 -10.08 -12.44
N ILE A 91 8.18 -11.11 -13.06
CA ILE A 91 8.84 -10.95 -14.34
C ILE A 91 7.92 -11.48 -15.41
N TYR A 92 7.83 -10.76 -16.53
CA TYR A 92 6.98 -11.16 -17.64
C TYR A 92 7.73 -11.36 -18.96
N GLU A 93 7.15 -12.21 -19.79
CA GLU A 93 7.59 -12.42 -21.15
C GLU A 93 6.70 -11.54 -22.04
N LEU A 94 7.30 -10.87 -23.02
CA LEU A 94 6.52 -10.17 -24.02
C LEU A 94 6.62 -10.89 -25.36
N LEU A 95 5.48 -11.23 -25.94
CA LEU A 95 5.47 -11.99 -27.18
C LEU A 95 5.25 -11.10 -28.39
N GLU A 96 5.93 -11.45 -29.46
CA GLU A 96 5.68 -10.89 -30.77
C GLU A 96 5.65 -12.12 -31.66
N ASN A 97 4.56 -12.24 -32.41
CA ASN A 97 4.41 -13.36 -33.32
C ASN A 97 4.63 -14.71 -32.64
N GLY A 98 4.17 -14.85 -31.41
CA GLY A 98 4.23 -16.12 -30.69
C GLY A 98 5.57 -16.45 -30.05
N GLN A 99 6.54 -15.54 -30.17
CA GLN A 99 7.86 -15.79 -29.62
C GLN A 99 8.23 -14.73 -28.61
N ARG A 100 9.11 -15.06 -27.68
CA ARG A 100 9.56 -14.08 -26.70
C ARG A 100 10.35 -12.95 -27.39
N ALA A 101 9.96 -11.72 -27.13
CA ALA A 101 10.53 -10.55 -27.76
C ALA A 101 11.20 -9.62 -26.72
N GLY A 102 11.02 -9.93 -25.43
CA GLY A 102 11.56 -9.12 -24.35
C GLY A 102 11.14 -9.73 -23.01
N THR A 103 11.88 -9.38 -21.96
CA THR A 103 11.64 -9.89 -20.61
C THR A 103 11.76 -8.76 -19.61
N CYS A 104 10.74 -8.54 -18.78
CA CYS A 104 10.82 -7.38 -17.91
C CYS A 104 9.95 -7.47 -16.66
N VAL A 105 10.32 -6.67 -15.67
CA VAL A 105 9.54 -6.53 -14.45
C VAL A 105 8.43 -5.51 -14.69
N LEU A 106 7.18 -5.92 -14.51
CA LEU A 106 6.06 -5.15 -15.01
C LEU A 106 4.96 -5.11 -13.96
N GLU A 107 4.44 -3.92 -13.69
CA GLU A 107 3.25 -3.85 -12.87
C GLU A 107 2.42 -2.61 -13.15
N TYR A 108 1.15 -2.69 -12.76
CA TYR A 108 0.21 -1.60 -12.90
C TYR A 108 0.37 -0.67 -11.71
N ALA A 109 0.17 0.61 -11.91
CA ALA A 109 0.28 1.55 -10.79
C ALA A 109 -0.99 1.43 -9.98
N THR A 110 -0.87 0.94 -8.75
CA THR A 110 -2.02 0.72 -7.90
C THR A 110 -2.98 1.90 -7.65
N PRO A 111 -2.46 3.15 -7.61
CA PRO A 111 -3.44 4.21 -7.34
C PRO A 111 -4.55 4.31 -8.39
N LEU A 112 -4.33 3.76 -9.57
CA LEU A 112 -5.33 3.75 -10.64
C LEU A 112 -6.53 2.90 -10.21
N ILE A 113 -6.25 1.84 -9.46
CA ILE A 113 -7.29 1.03 -8.85
C ILE A 113 -8.15 1.88 -7.93
N THR A 114 -7.50 2.74 -7.18
CA THR A 114 -8.25 3.65 -6.32
C THR A 114 -9.12 4.67 -7.13
N LEU A 115 -8.52 5.27 -8.15
CA LEU A 115 -9.26 6.22 -9.02
C LEU A 115 -10.49 5.56 -9.62
N PHE A 116 -10.34 4.31 -10.02
CA PHE A 116 -11.43 3.65 -10.63
C PHE A 116 -12.53 3.34 -9.60
N ALA A 117 -12.14 2.93 -8.42
CA ALA A 117 -13.10 2.61 -7.38
C ALA A 117 -13.83 3.86 -6.90
N MET A 118 -13.11 4.98 -6.78
CA MET A 118 -13.77 6.22 -6.43
C MET A 118 -14.82 6.65 -7.46
N SER A 119 -14.58 6.36 -8.74
CA SER A 119 -15.59 6.69 -9.75
C SER A 119 -16.82 5.72 -9.61
N GLN A 120 -16.65 4.58 -8.99
CA GLN A 120 -17.77 3.62 -8.94
C GLN A 120 -18.57 3.76 -7.65
N TYR A 121 -17.97 4.37 -6.65
CA TYR A 121 -18.64 4.52 -5.36
C TYR A 121 -19.24 5.89 -5.14
N SER A 122 -20.53 5.89 -4.77
CA SER A 122 -21.29 7.12 -4.53
C SER A 122 -20.60 7.98 -3.53
N GLN A 123 -20.23 7.36 -2.44
CA GLN A 123 -19.73 8.09 -1.32
C GLN A 123 -18.43 8.85 -1.60
N ALA A 124 -17.79 8.58 -2.73
CA ALA A 124 -16.49 9.19 -3.06
C ALA A 124 -16.68 10.55 -3.69
N GLY A 125 -17.85 10.79 -4.29
CA GLY A 125 -18.19 12.06 -4.90
C GLY A 125 -17.31 12.33 -6.11
N PHE A 126 -17.11 11.32 -6.93
CA PHE A 126 -16.06 11.37 -7.94
C PHE A 126 -16.60 10.78 -9.23
N SER A 127 -16.71 11.62 -10.26
CA SER A 127 -17.33 11.23 -11.53
C SER A 127 -16.31 10.67 -12.53
N ARG A 128 -16.78 9.92 -13.53
CA ARG A 128 -15.93 9.46 -14.63
C ARG A 128 -15.08 10.57 -15.25
N GLU A 129 -15.65 11.76 -15.37
CA GLU A 129 -14.88 12.91 -15.91
C GLU A 129 -13.80 13.36 -14.92
N ASP A 130 -14.15 13.39 -13.63
CA ASP A 130 -13.15 13.59 -12.59
C ASP A 130 -12.00 12.58 -12.78
N ARG A 131 -12.36 11.34 -13.11
CA ARG A 131 -11.41 10.23 -13.15
C ARG A 131 -10.31 10.37 -14.23
N LEU A 132 -10.70 10.73 -15.44
CA LEU A 132 -9.70 10.76 -16.52
C LEU A 132 -8.77 11.96 -16.36
N GLU A 133 -9.33 13.03 -15.82
CA GLU A 133 -8.59 14.24 -15.58
C GLU A 133 -7.55 13.96 -14.50
N GLN A 134 -7.99 13.29 -13.41
CA GLN A 134 -7.12 13.02 -12.26
C GLN A 134 -6.09 11.98 -12.62
N ALA A 135 -6.43 11.06 -13.53
CA ALA A 135 -5.43 10.08 -13.98
C ALA A 135 -4.30 10.74 -14.79
N LYS A 136 -4.65 11.72 -15.63
CA LYS A 136 -3.60 12.42 -16.35
C LYS A 136 -2.73 13.22 -15.38
N LEU A 137 -3.39 13.86 -14.43
CA LEU A 137 -2.73 14.70 -13.43
C LEU A 137 -1.88 13.88 -12.48
N PHE A 138 -2.32 12.66 -12.17
CA PHE A 138 -1.50 11.70 -11.42
C PHE A 138 -0.20 11.37 -12.14
N CYS A 139 -0.32 11.04 -13.42
CA CYS A 139 0.84 10.64 -14.20
C CYS A 139 1.88 11.80 -14.33
N ARG A 140 1.41 13.02 -14.54
CA ARG A 140 2.28 14.20 -14.62
C ARG A 140 2.97 14.48 -13.28
N THR A 141 2.21 14.30 -12.20
CA THR A 141 2.76 14.57 -10.88
C THR A 141 3.84 13.54 -10.56
N LEU A 142 3.53 12.29 -10.84
CA LEU A 142 4.47 11.23 -10.52
C LEU A 142 5.75 11.36 -11.35
N GLU A 143 5.61 11.78 -12.61
CA GLU A 143 6.75 12.12 -13.47
C GLU A 143 7.68 13.14 -12.80
N ASP A 144 7.10 14.26 -12.34
CA ASP A 144 7.86 15.33 -11.66
C ASP A 144 8.57 14.83 -10.40
N ILE A 145 7.86 14.05 -9.60
CA ILE A 145 8.46 13.50 -8.41
C ILE A 145 9.64 12.62 -8.78
N LEU A 146 9.45 11.77 -9.77
CA LEU A 146 10.48 10.83 -10.15
C LEU A 146 11.65 11.55 -10.82
N ALA A 147 11.37 12.55 -11.65
CA ALA A 147 12.43 13.22 -12.39
C ALA A 147 13.52 13.74 -11.47
N ASP A 148 13.15 14.07 -10.23
CA ASP A 148 14.10 14.66 -9.30
C ASP A 148 14.22 13.92 -7.98
N ALA A 149 13.97 12.61 -7.99
CA ALA A 149 14.01 11.86 -6.73
C ALA A 149 15.22 10.97 -6.67
N PRO A 150 15.91 10.96 -5.51
CA PRO A 150 17.17 10.19 -5.32
C PRO A 150 17.03 8.69 -5.61
N GLU A 151 15.88 8.10 -5.35
CA GLU A 151 15.72 6.67 -5.53
C GLU A 151 15.32 6.25 -6.95
N SER A 152 14.73 7.16 -7.69
CA SER A 152 14.06 6.79 -8.93
C SER A 152 14.84 7.20 -10.15
N GLN A 153 16.15 7.34 -9.98
CA GLN A 153 17.00 7.79 -11.06
C GLN A 153 17.50 6.55 -11.80
N ASN A 154 16.90 6.30 -12.96
CA ASN A 154 17.35 5.29 -13.90
C ASN A 154 16.88 3.85 -13.66
N ASN A 155 15.87 3.67 -12.83
CA ASN A 155 15.43 2.30 -12.55
C ASN A 155 13.92 2.12 -12.58
N CYS A 156 13.25 3.04 -13.27
CA CYS A 156 11.82 3.11 -13.27
C CYS A 156 11.41 3.72 -14.58
N ARG A 157 10.27 3.28 -15.10
CA ARG A 157 9.83 3.84 -16.36
C ARG A 157 8.33 3.79 -16.39
N LEU A 158 7.73 4.93 -16.72
CA LEU A 158 6.27 5.06 -16.71
C LEU A 158 5.72 4.86 -18.11
N ILE A 159 4.81 3.90 -18.23
CA ILE A 159 4.18 3.64 -19.51
C ILE A 159 2.69 4.03 -19.47
N ALA A 160 2.39 5.25 -19.87
CA ALA A 160 1.02 5.78 -19.91
C ALA A 160 0.47 5.59 -21.29
N TYR A 161 -0.79 5.20 -21.38
CA TYR A 161 -1.41 4.93 -22.66
C TYR A 161 -2.91 5.07 -22.53
N GLN A 162 -3.55 5.45 -23.63
CA GLN A 162 -4.99 5.51 -23.63
C GLN A 162 -5.51 4.55 -24.70
N GLU A 163 -6.37 3.63 -24.30
CA GLU A 163 -6.97 2.70 -25.22
C GLU A 163 -7.94 3.45 -26.11
N PRO A 164 -7.65 3.50 -27.41
CA PRO A 164 -8.70 3.98 -28.32
C PRO A 164 -9.90 3.07 -28.10
N ALA A 165 -11.07 3.65 -27.81
CA ALA A 165 -12.26 2.86 -27.53
C ALA A 165 -12.89 2.37 -28.82
N ASP A 166 -12.41 2.92 -29.94
CA ASP A 166 -12.97 2.64 -31.26
C ASP A 166 -12.64 1.23 -31.79
N ASP A 167 -11.40 0.80 -31.56
CA ASP A 167 -10.93 -0.49 -32.06
C ASP A 167 -10.48 -1.38 -30.92
N SER A 168 -10.31 -2.66 -31.21
CA SER A 168 -9.68 -3.57 -30.26
C SER A 168 -8.30 -4.00 -30.74
N SER A 169 -7.79 -3.30 -31.76
CA SER A 169 -6.47 -3.60 -32.33
C SER A 169 -5.32 -3.32 -31.37
N PHE A 170 -5.52 -2.36 -30.46
CA PHE A 170 -4.44 -1.87 -29.57
C PHE A 170 -3.72 -2.99 -28.83
N SER A 171 -2.39 -2.87 -28.73
CA SER A 171 -1.54 -3.90 -28.18
C SER A 171 -0.77 -3.34 -27.00
N LEU A 172 -1.03 -3.87 -25.82
CA LEU A 172 -0.30 -3.48 -24.62
C LEU A 172 1.13 -3.96 -24.74
N SER A 173 1.24 -5.18 -25.26
CA SER A 173 2.50 -5.82 -25.56
C SER A 173 3.41 -4.93 -26.39
N GLN A 174 2.86 -4.37 -27.46
CA GLN A 174 3.62 -3.52 -28.38
C GLN A 174 3.99 -2.22 -27.72
N GLU A 175 3.07 -1.70 -26.94
CA GLU A 175 3.30 -0.48 -26.18
C GLU A 175 4.48 -0.69 -25.22
N VAL A 176 4.48 -1.79 -24.51
CA VAL A 176 5.59 -2.04 -23.59
C VAL A 176 6.90 -2.21 -24.34
N LEU A 177 6.85 -2.94 -25.44
CA LEU A 177 8.04 -3.17 -26.24
C LEU A 177 8.60 -1.89 -26.85
N ARG A 178 7.70 -0.96 -27.16
CA ARG A 178 8.09 0.32 -27.71
C ARG A 178 9.03 1.02 -26.73
N HIS A 179 8.64 1.04 -25.46
CA HIS A 179 9.47 1.62 -24.41
C HIS A 179 10.70 0.76 -24.14
N LEU A 180 10.49 -0.54 -24.04
CA LEU A 180 11.57 -1.47 -23.78
C LEU A 180 12.79 -1.28 -24.67
N ARG A 181 12.55 -1.17 -25.98
CA ARG A 181 13.64 -1.14 -26.94
C ARG A 181 14.45 0.13 -26.91
N GLN A 182 15.04 0.43 -25.74
CA GLN A 182 15.96 1.56 -25.46
C GLN A 182 15.99 1.82 -23.96
N SER B 1 -9.28 16.87 -2.56
CA SER B 1 -8.26 17.13 -1.52
C SER B 1 -7.40 15.89 -1.27
N VAL B 2 -6.28 16.11 -0.59
CA VAL B 2 -5.31 15.04 -0.39
C VAL B 2 -5.88 13.98 0.51
N ALA B 3 -6.38 14.39 1.66
CA ALA B 3 -6.85 13.45 2.67
C ALA B 3 -7.99 12.58 2.11
N HIS B 4 -8.80 13.18 1.29
CA HIS B 4 -9.99 12.49 0.80
C HIS B 4 -9.54 11.31 -0.07
N GLY B 5 -8.66 11.58 -1.03
CA GLY B 5 -8.09 10.52 -1.85
C GLY B 5 -7.32 9.48 -1.05
N LEU B 6 -6.65 9.90 0.03
CA LEU B 6 -5.82 9.02 0.84
C LEU B 6 -6.66 8.03 1.66
N ALA B 7 -7.77 8.52 2.19
CA ALA B 7 -8.66 7.68 2.98
C ALA B 7 -9.25 6.60 2.07
N TRP B 8 -9.68 7.00 0.88
CA TRP B 8 -10.14 6.05 -0.13
C TRP B 8 -9.09 5.05 -0.57
N ALA B 9 -7.88 5.54 -0.82
CA ALA B 9 -6.77 4.67 -1.19
C ALA B 9 -6.47 3.69 -0.08
N TYR B 10 -6.60 4.15 1.16
CA TYR B 10 -6.25 3.30 2.28
C TYR B 10 -7.32 2.22 2.45
N TYR B 11 -8.57 2.61 2.32
CA TYR B 11 -9.66 1.62 2.29
C TYR B 11 -9.55 0.62 1.14
N ILE B 12 -9.30 1.15 -0.06
CA ILE B 12 -9.27 0.31 -1.25
C ILE B 12 -8.00 -0.57 -1.40
N GLY B 13 -6.88 0.00 -1.04
CA GLY B 13 -5.59 -0.62 -1.13
C GLY B 13 -5.09 -1.34 0.06
N TYR B 14 -5.81 -1.33 1.15
CA TYR B 14 -5.42 -2.08 2.31
C TYR B 14 -6.53 -2.75 3.09
N LEU B 15 -7.40 -1.94 3.65
CA LEU B 15 -8.40 -2.41 4.56
C LEU B 15 -9.43 -3.34 3.98
N ARG B 16 -9.92 -3.05 2.79
CA ARG B 16 -10.91 -3.95 2.18
C ARG B 16 -10.29 -5.34 1.87
N LEU B 17 -8.95 -5.40 1.83
CA LEU B 17 -8.21 -6.62 1.49
C LEU B 17 -7.77 -7.40 2.72
N ILE B 18 -7.70 -6.75 3.86
CA ILE B 18 -7.14 -7.42 5.02
C ILE B 18 -8.22 -7.72 6.04
N LEU B 19 -9.24 -6.87 6.07
CA LEU B 19 -10.33 -7.02 7.04
C LEU B 19 -11.19 -8.30 6.95
N PRO B 20 -11.59 -8.72 5.73
CA PRO B 20 -12.57 -9.82 5.68
C PRO B 20 -12.02 -11.09 6.33
N GLU B 21 -10.74 -11.35 6.10
CA GLU B 21 -10.12 -12.57 6.59
C GLU B 21 -9.51 -12.41 7.99
N LEU B 22 -9.59 -11.19 8.52
CA LEU B 22 -8.89 -10.88 9.76
C LEU B 22 -9.58 -11.63 10.88
N GLN B 23 -10.89 -11.55 10.91
CA GLN B 23 -11.62 -12.12 12.02
C GLN B 23 -11.47 -13.64 12.06
N ALA B 24 -11.35 -14.28 10.90
CA ALA B 24 -11.07 -15.71 10.89
C ALA B 24 -9.68 -15.98 11.47
N ARG B 25 -8.70 -15.19 11.05
CA ARG B 25 -7.32 -15.38 11.53
C ARG B 25 -7.16 -15.26 13.06
N ILE B 26 -7.95 -14.37 13.66
CA ILE B 26 -7.83 -14.16 15.10
C ILE B 26 -8.51 -15.30 15.88
N ARG B 27 -9.63 -15.79 15.34
CA ARG B 27 -10.30 -16.96 15.95
C ARG B 27 -9.45 -18.20 15.81
N THR B 28 -8.81 -18.34 14.66
CA THR B 28 -7.86 -19.43 14.50
C THR B 28 -6.80 -19.33 15.57
N TYR B 29 -6.20 -18.16 15.70
CA TYR B 29 -5.16 -17.94 16.70
C TYR B 29 -5.67 -18.19 18.13
N ASN B 30 -6.89 -17.72 18.40
CA ASN B 30 -7.48 -17.88 19.74
C ASN B 30 -7.69 -19.33 20.12
N GLN B 31 -7.94 -20.15 19.12
CA GLN B 31 -8.27 -21.53 19.38
C GLN B 31 -7.02 -22.39 19.36
N HIS B 32 -6.20 -22.21 18.36
CA HIS B 32 -5.04 -23.02 18.25
C HIS B 32 -4.03 -22.80 19.32
N TYR B 33 -3.93 -21.58 19.79
CA TYR B 33 -2.83 -21.14 20.59
C TYR B 33 -3.33 -20.73 21.95
N ASN B 34 -4.40 -21.34 22.42
CA ASN B 34 -4.98 -20.96 23.69
C ASN B 34 -4.11 -21.33 24.87
N ASN B 35 -3.35 -22.38 24.73
CA ASN B 35 -2.45 -22.79 25.78
C ASN B 35 -1.42 -21.76 26.14
N LEU B 36 -0.88 -21.10 25.13
CA LEU B 36 0.20 -20.13 25.31
C LEU B 36 -0.39 -18.87 25.89
N LEU B 37 -1.46 -18.43 25.23
CA LEU B 37 -2.07 -17.13 25.44
C LEU B 37 -2.70 -16.94 26.82
N ARG B 38 -3.45 -17.95 27.27
CA ARG B 38 -4.22 -17.85 28.51
C ARG B 38 -5.02 -16.57 28.50
N GLY B 39 -5.72 -16.35 27.38
CA GLY B 39 -6.58 -15.20 27.20
C GLY B 39 -7.10 -15.25 25.79
N ALA B 40 -7.73 -14.17 25.36
CA ALA B 40 -8.21 -14.05 23.99
C ALA B 40 -7.78 -12.70 23.49
N VAL B 41 -7.09 -12.67 22.36
CA VAL B 41 -6.88 -11.40 21.73
C VAL B 41 -8.23 -10.97 21.17
N SER B 42 -8.53 -9.68 21.27
CA SER B 42 -9.74 -9.11 20.69
C SER B 42 -9.83 -9.26 19.18
N GLN B 43 -11.05 -9.08 18.67
CA GLN B 43 -11.35 -9.48 17.29
C GLN B 43 -11.26 -8.39 16.21
N ARG B 44 -10.98 -7.15 16.59
CA ARG B 44 -10.91 -6.10 15.58
C ARG B 44 -9.48 -5.66 15.34
N LEU B 45 -9.23 -5.11 14.15
CA LEU B 45 -7.96 -4.44 13.92
C LEU B 45 -8.01 -3.02 14.52
N TYR B 46 -7.06 -2.69 15.40
CA TYR B 46 -7.00 -1.33 15.98
C TYR B 46 -5.97 -0.42 15.30
N ILE B 47 -6.45 0.69 14.78
CA ILE B 47 -5.66 1.53 13.90
C ILE B 47 -5.32 2.85 14.56
N LEU B 48 -4.07 2.98 14.95
CA LEU B 48 -3.58 4.21 15.54
C LEU B 48 -3.55 5.36 14.53
N LEU B 49 -4.20 6.48 14.85
CA LEU B 49 -4.18 7.66 14.01
C LEU B 49 -3.71 8.85 14.79
N PRO B 50 -2.40 8.93 15.06
CA PRO B 50 -1.85 10.15 15.67
C PRO B 50 -2.01 11.36 14.74
N LEU B 51 -2.71 12.38 15.23
CA LEU B 51 -2.98 13.58 14.44
C LEU B 51 -1.73 14.38 14.09
N ASP B 52 -0.70 14.35 14.93
CA ASP B 52 0.59 15.00 14.62
C ASP B 52 1.29 14.29 13.42
N CYS B 53 0.79 13.10 13.07
CA CYS B 53 1.35 12.28 11.98
C CYS B 53 2.72 11.64 12.28
N GLY B 54 3.09 11.58 13.56
CA GLY B 54 4.30 10.88 13.94
C GLY B 54 4.09 9.39 14.04
N VAL B 55 4.53 8.67 13.00
CA VAL B 55 4.61 7.22 13.03
C VAL B 55 6.04 6.74 13.30
N PRO B 56 6.24 5.99 14.39
CA PRO B 56 7.59 5.47 14.66
C PRO B 56 7.91 4.26 13.77
N ASP B 57 9.17 3.89 13.70
CA ASP B 57 9.57 2.68 12.99
C ASP B 57 9.12 1.46 13.77
N ASN B 58 9.22 1.55 15.09
CA ASN B 58 8.93 0.45 15.98
C ASN B 58 7.82 0.82 16.98
N LEU B 59 6.65 0.25 16.74
CA LEU B 59 5.49 0.48 17.59
C LEU B 59 5.78 0.17 19.08
N SER B 60 6.33 -1.00 19.36
CA SER B 60 6.61 -1.46 20.73
C SER B 60 7.43 -0.48 21.58
N MET B 61 8.20 0.40 20.93
CA MET B 61 9.09 1.33 21.65
C MET B 61 8.38 2.60 22.09
N ALA B 62 7.26 2.88 21.42
CA ALA B 62 6.47 4.10 21.64
C ALA B 62 5.96 4.24 23.07
N ASP B 63 5.65 3.11 23.69
CA ASP B 63 5.08 3.09 25.02
C ASP B 63 5.65 1.89 25.82
N PRO B 64 6.13 2.13 27.03
CA PRO B 64 6.56 0.99 27.85
C PRO B 64 5.40 0.06 28.20
N ASN B 65 4.17 0.57 28.16
CA ASN B 65 3.02 -0.25 28.45
C ASN B 65 2.39 -0.96 27.25
N ILE B 66 3.03 -0.86 26.11
CA ILE B 66 2.58 -1.67 24.97
C ILE B 66 3.70 -2.63 24.64
N ARG B 67 3.39 -3.91 24.63
CA ARG B 67 4.45 -4.89 24.50
C ARG B 67 4.13 -5.91 23.43
N PHE B 68 5.14 -6.26 22.65
CA PHE B 68 4.95 -7.22 21.58
C PHE B 68 4.69 -8.60 22.18
N LEU B 69 3.70 -9.28 21.64
CA LEU B 69 3.40 -10.65 21.97
C LEU B 69 3.71 -11.59 20.84
N ASP B 70 3.05 -11.44 19.72
CA ASP B 70 3.11 -12.44 18.68
C ASP B 70 2.75 -11.91 17.33
N LYS B 71 3.06 -12.67 16.31
CA LYS B 71 2.51 -12.40 15.01
C LYS B 71 1.29 -13.21 14.82
N LEU B 72 0.34 -12.65 14.12
CA LEU B 72 -0.82 -13.39 13.67
C LEU B 72 -0.31 -14.23 12.51
N PRO B 73 -0.71 -15.50 12.46
CA PRO B 73 -0.40 -16.29 11.26
C PRO B 73 -0.92 -15.59 10.01
N GLN B 74 -0.11 -15.66 8.95
CA GLN B 74 -0.25 -14.70 7.86
C GLN B 74 -1.39 -14.93 6.88
N GLN B 75 -1.51 -13.95 6.00
CA GLN B 75 -2.52 -13.92 4.96
C GLN B 75 -1.86 -13.41 3.67
N THR B 76 -2.02 -14.18 2.60
CA THR B 76 -1.40 -13.81 1.34
C THR B 76 -2.49 -13.32 0.37
N GLY B 77 -2.26 -12.15 -0.20
CA GLY B 77 -3.24 -11.51 -1.06
C GLY B 77 -3.47 -12.21 -2.39
N ASP B 78 -4.73 -12.26 -2.80
CA ASP B 78 -5.13 -13.00 -4.00
C ASP B 78 -6.08 -12.17 -4.82
N ARG B 79 -5.76 -10.89 -4.97
CA ARG B 79 -6.60 -9.95 -5.69
C ARG B 79 -5.74 -9.04 -6.57
N ALA B 80 -6.39 -8.21 -7.40
CA ALA B 80 -5.68 -7.26 -8.25
C ALA B 80 -4.75 -6.37 -7.42
N GLY B 81 -3.52 -6.21 -7.89
CA GLY B 81 -2.54 -5.36 -7.23
C GLY B 81 -1.79 -5.98 -6.06
N ILE B 82 -2.18 -7.19 -5.63
CA ILE B 82 -1.56 -7.80 -4.45
C ILE B 82 -1.33 -9.32 -4.51
N LYS B 83 -0.98 -9.85 -5.67
CA LYS B 83 -0.63 -11.26 -5.69
C LYS B 83 0.70 -11.40 -4.96
N ASP B 84 0.66 -12.19 -3.88
CA ASP B 84 1.85 -12.61 -3.11
C ASP B 84 2.67 -11.54 -2.37
N ARG B 85 2.02 -10.55 -1.92
CA ARG B 85 2.58 -9.65 -0.98
C ARG B 85 2.24 -10.42 0.22
N VAL B 86 3.05 -10.35 1.26
CA VAL B 86 2.73 -11.06 2.49
C VAL B 86 2.61 -10.00 3.53
N TYR B 87 1.42 -9.86 4.09
CA TYR B 87 1.17 -8.91 5.17
C TYR B 87 1.52 -9.48 6.56
N SER B 88 2.23 -8.71 7.35
CA SER B 88 2.54 -9.12 8.71
C SER B 88 1.72 -8.32 9.71
N ASN B 89 1.03 -9.01 10.60
CA ASN B 89 0.28 -8.33 11.63
C ASN B 89 0.72 -8.75 13.00
N SER B 90 0.87 -7.78 13.89
CA SER B 90 1.37 -8.07 15.21
C SER B 90 0.28 -7.96 16.28
N ILE B 91 0.37 -8.84 17.27
CA ILE B 91 -0.45 -8.81 18.47
C ILE B 91 0.34 -8.17 19.63
N TYR B 92 -0.31 -7.29 20.35
CA TYR B 92 0.34 -6.62 21.47
C TYR B 92 -0.42 -6.80 22.77
N GLU B 93 0.29 -6.80 23.87
CA GLU B 93 -0.39 -6.71 25.18
C GLU B 93 -0.33 -5.30 25.70
N LEU B 94 -1.41 -4.88 26.33
CA LEU B 94 -1.48 -3.56 26.90
C LEU B 94 -1.46 -3.62 28.41
N LEU B 95 -0.49 -2.96 29.02
CA LEU B 95 -0.34 -2.97 30.46
C LEU B 95 -1.01 -1.77 31.13
N GLU B 96 -1.59 -2.01 32.29
CA GLU B 96 -2.16 -0.97 33.11
C GLU B 96 -1.80 -1.29 34.56
N ASN B 97 -1.03 -0.38 35.16
CA ASN B 97 -0.59 -0.54 36.54
C ASN B 97 0.31 -1.80 36.65
N GLY B 98 1.14 -2.00 35.63
CA GLY B 98 2.01 -3.15 35.58
C GLY B 98 1.38 -4.49 35.17
N GLN B 99 0.06 -4.52 34.97
CA GLN B 99 -0.66 -5.77 34.77
C GLN B 99 -1.26 -5.82 33.38
N ARG B 100 -1.40 -7.03 32.85
CA ARG B 100 -2.05 -7.17 31.56
C ARG B 100 -3.51 -6.72 31.62
N ALA B 101 -3.87 -5.76 30.79
CA ALA B 101 -5.21 -5.23 30.78
C ALA B 101 -5.93 -5.54 29.46
N GLY B 102 -5.18 -5.88 28.43
CA GLY B 102 -5.79 -6.24 27.16
C GLY B 102 -4.80 -6.83 26.19
N THR B 103 -5.35 -7.40 25.12
CA THR B 103 -4.53 -7.96 24.04
C THR B 103 -5.19 -7.71 22.69
N CYS B 104 -4.52 -7.01 21.82
CA CYS B 104 -5.11 -6.65 20.53
C CYS B 104 -4.10 -6.55 19.43
N VAL B 105 -4.57 -6.66 18.19
CA VAL B 105 -3.72 -6.49 17.02
C VAL B 105 -3.79 -5.02 16.64
N LEU B 106 -2.61 -4.41 16.55
CA LEU B 106 -2.47 -2.98 16.53
C LEU B 106 -1.59 -2.57 15.36
N GLU B 107 -1.94 -1.47 14.71
CA GLU B 107 -1.01 -0.82 13.80
C GLU B 107 -1.34 0.65 13.55
N TYR B 108 -0.36 1.36 13.00
CA TYR B 108 -0.50 2.76 12.57
C TYR B 108 -1.03 2.89 11.17
N ALA B 109 -1.83 3.94 10.93
CA ALA B 109 -2.43 4.15 9.62
C ALA B 109 -1.33 4.71 8.71
N THR B 110 -0.95 3.96 7.68
CA THR B 110 0.21 4.35 6.86
C THR B 110 0.07 5.69 6.13
N PRO B 111 -1.16 6.11 5.70
CA PRO B 111 -1.20 7.37 4.97
C PRO B 111 -0.70 8.56 5.77
N LEU B 112 -0.70 8.45 7.11
CA LEU B 112 -0.15 9.51 7.96
C LEU B 112 1.34 9.74 7.67
N ILE B 113 2.04 8.67 7.34
CA ILE B 113 3.43 8.74 6.86
C ILE B 113 3.57 9.59 5.61
N THR B 114 2.61 9.43 4.72
CA THR B 114 2.61 10.25 3.53
C THR B 114 2.30 11.75 3.83
N LEU B 115 1.32 12.02 4.68
CA LEU B 115 1.02 13.41 5.08
C LEU B 115 2.20 14.07 5.75
N PHE B 116 2.89 13.31 6.59
CA PHE B 116 4.08 13.84 7.19
C PHE B 116 5.14 14.19 6.12
N ALA B 117 5.45 13.22 5.28
CA ALA B 117 6.45 13.42 4.23
C ALA B 117 6.05 14.55 3.28
N MET B 118 4.76 14.65 2.97
CA MET B 118 4.32 15.76 2.12
C MET B 118 4.60 17.15 2.75
N SER B 119 4.51 17.24 4.06
CA SER B 119 4.82 18.51 4.70
C SER B 119 6.34 18.73 4.77
N GLN B 120 7.17 17.72 4.49
CA GLN B 120 8.66 17.87 4.52
C GLN B 120 9.21 18.26 3.19
N TYR B 121 8.51 17.89 2.13
CA TYR B 121 9.04 18.12 0.81
C TYR B 121 8.45 19.32 0.17
N SER B 122 9.29 20.26 -0.27
CA SER B 122 8.80 21.49 -0.86
C SER B 122 8.05 21.26 -2.17
N GLN B 123 8.38 20.20 -2.89
CA GLN B 123 7.69 19.95 -4.15
C GLN B 123 6.21 19.63 -3.96
N ALA B 124 5.84 19.06 -2.81
CA ALA B 124 4.45 18.66 -2.54
C ALA B 124 3.61 19.87 -2.18
N GLY B 125 4.28 21.01 -1.88
CA GLY B 125 3.61 22.26 -1.58
C GLY B 125 2.57 22.11 -0.48
N PHE B 126 3.01 21.61 0.67
CA PHE B 126 2.11 21.20 1.73
C PHE B 126 2.69 21.71 3.02
N SER B 127 1.98 22.61 3.71
CA SER B 127 2.48 23.17 4.97
C SER B 127 2.22 22.26 6.19
N ARG B 128 2.92 22.54 7.30
CA ARG B 128 2.64 21.85 8.55
C ARG B 128 1.19 22.04 9.00
N GLU B 129 0.65 23.19 8.66
CA GLU B 129 -0.73 23.53 8.98
C GLU B 129 -1.71 22.71 8.15
N ASP B 130 -1.41 22.60 6.85
CA ASP B 130 -2.20 21.76 5.97
C ASP B 130 -2.22 20.34 6.52
N ARG B 131 -1.10 19.96 7.11
CA ARG B 131 -0.93 18.61 7.59
C ARG B 131 -1.91 18.22 8.71
N LEU B 132 -2.08 19.13 9.66
CA LEU B 132 -2.97 18.83 10.76
C LEU B 132 -4.42 18.82 10.25
N GLU B 133 -4.68 19.72 9.32
CA GLU B 133 -5.99 19.90 8.75
C GLU B 133 -6.37 18.62 8.01
N GLN B 134 -5.42 18.10 7.22
CA GLN B 134 -5.65 16.92 6.41
C GLN B 134 -5.70 15.66 7.28
N ALA B 135 -4.94 15.65 8.36
CA ALA B 135 -4.96 14.49 9.25
C ALA B 135 -6.37 14.34 9.81
N LYS B 136 -7.00 15.45 10.17
CA LYS B 136 -8.32 15.36 10.78
C LYS B 136 -9.34 14.94 9.74
N LEU B 137 -9.14 15.46 8.55
CA LEU B 137 -10.04 15.21 7.44
C LEU B 137 -9.95 13.72 7.06
N PHE B 138 -8.73 13.22 7.02
CA PHE B 138 -8.45 11.83 6.75
C PHE B 138 -9.20 10.90 7.73
N CYS B 139 -9.09 11.21 9.03
CA CYS B 139 -9.75 10.40 10.05
C CYS B 139 -11.30 10.45 9.91
N ARG B 140 -11.80 11.64 9.68
CA ARG B 140 -13.24 11.74 9.55
C ARG B 140 -13.81 11.07 8.29
N THR B 141 -13.04 11.11 7.21
CA THR B 141 -13.43 10.50 5.96
C THR B 141 -13.35 9.00 6.09
N LEU B 142 -12.24 8.53 6.66
CA LEU B 142 -12.10 7.08 6.86
C LEU B 142 -13.27 6.51 7.71
N GLU B 143 -13.62 7.24 8.77
CA GLU B 143 -14.77 6.91 9.62
C GLU B 143 -16.03 6.69 8.79
N ASP B 144 -16.34 7.66 7.93
CA ASP B 144 -17.55 7.58 7.10
C ASP B 144 -17.56 6.45 6.09
N ILE B 145 -16.38 6.17 5.53
CA ILE B 145 -16.22 5.04 4.64
C ILE B 145 -16.51 3.73 5.37
N LEU B 146 -15.89 3.56 6.54
CA LEU B 146 -16.03 2.33 7.32
C LEU B 146 -17.41 2.10 7.87
N ALA B 147 -18.08 3.20 8.18
CA ALA B 147 -19.43 3.11 8.69
C ALA B 147 -20.39 2.45 7.68
N ASP B 148 -20.19 2.75 6.40
CA ASP B 148 -21.05 2.23 5.34
C ASP B 148 -20.50 0.98 4.69
N ALA B 149 -19.26 0.63 5.01
CA ALA B 149 -18.62 -0.48 4.29
C ALA B 149 -18.99 -1.81 4.88
N PRO B 150 -19.42 -2.76 4.03
CA PRO B 150 -19.90 -4.07 4.47
C PRO B 150 -18.75 -4.94 4.97
N GLU B 151 -17.62 -4.83 4.27
CA GLU B 151 -16.45 -5.66 4.54
C GLU B 151 -15.64 -5.15 5.74
N SER B 152 -16.25 -4.29 6.53
CA SER B 152 -15.53 -3.65 7.61
C SER B 152 -16.52 -3.25 8.68
N GLN B 153 -17.35 -4.20 9.04
CA GLN B 153 -18.41 -3.98 10.01
C GLN B 153 -18.07 -4.75 11.28
N ASN B 154 -17.69 -4.02 12.33
CA ASN B 154 -17.37 -4.61 13.63
C ASN B 154 -16.04 -5.30 13.65
N ASN B 155 -15.16 -4.97 12.71
CA ASN B 155 -13.85 -5.56 12.80
C ASN B 155 -12.72 -4.55 12.71
N CYS B 156 -13.02 -3.31 13.00
CA CYS B 156 -12.05 -2.25 12.83
C CYS B 156 -12.34 -1.10 13.81
N ARG B 157 -11.29 -0.60 14.47
CA ARG B 157 -11.45 0.60 15.30
C ARG B 157 -10.38 1.63 15.05
N LEU B 158 -10.83 2.85 14.74
CA LEU B 158 -9.93 3.97 14.57
C LEU B 158 -9.61 4.60 15.90
N ILE B 159 -8.32 4.66 16.24
CA ILE B 159 -7.92 5.36 17.45
C ILE B 159 -7.16 6.62 17.08
N ALA B 160 -7.87 7.73 17.12
CA ALA B 160 -7.32 9.05 16.75
C ALA B 160 -7.02 9.87 17.98
N TYR B 161 -5.87 10.52 18.00
CA TYR B 161 -5.49 11.25 19.20
C TYR B 161 -4.49 12.34 18.92
N GLN B 162 -4.40 13.27 19.85
CA GLN B 162 -3.44 14.33 19.73
C GLN B 162 -2.51 14.28 20.92
N GLU B 163 -1.22 14.15 20.65
CA GLU B 163 -0.24 14.20 21.73
C GLU B 163 -0.11 15.63 22.17
N PRO B 164 -0.07 15.88 23.49
CA PRO B 164 0.33 17.23 23.91
C PRO B 164 1.73 17.45 23.32
N ALA B 165 1.94 18.59 22.70
CA ALA B 165 3.07 18.79 21.77
C ALA B 165 4.44 18.37 22.30
N ASP B 166 4.80 18.93 23.46
CA ASP B 166 6.16 18.75 23.97
C ASP B 166 6.18 17.99 25.29
N ASP B 167 5.40 18.46 26.25
CA ASP B 167 5.17 17.70 27.47
C ASP B 167 4.55 16.36 27.08
N SER B 168 4.72 15.34 27.92
CA SER B 168 4.34 14.01 27.50
C SER B 168 3.52 13.31 28.56
N SER B 169 2.43 13.94 28.97
CA SER B 169 1.44 13.28 29.81
C SER B 169 0.49 12.53 28.89
N PHE B 170 1.07 11.67 28.07
CA PHE B 170 0.28 10.87 27.19
C PHE B 170 0.66 9.42 27.35
N SER B 171 -0.35 8.60 27.44
CA SER B 171 -0.14 7.17 27.43
C SER B 171 -0.86 6.61 26.21
N LEU B 172 -0.09 6.03 25.29
CA LEU B 172 -0.67 5.42 24.11
C LEU B 172 -1.55 4.24 24.50
N SER B 173 -1.12 3.52 25.54
CA SER B 173 -1.82 2.34 26.02
C SER B 173 -3.16 2.68 26.64
N GLN B 174 -3.23 3.83 27.33
CA GLN B 174 -4.49 4.32 27.89
C GLN B 174 -5.45 4.66 26.77
N GLU B 175 -4.94 5.31 25.73
CA GLU B 175 -5.78 5.59 24.56
C GLU B 175 -6.37 4.34 23.90
N VAL B 176 -5.55 3.30 23.81
CA VAL B 176 -5.99 2.05 23.20
C VAL B 176 -6.95 1.33 24.15
N LEU B 177 -6.61 1.35 25.43
CA LEU B 177 -7.46 0.71 26.41
C LEU B 177 -8.86 1.33 26.47
N ARG B 178 -8.94 2.65 26.37
CA ARG B 178 -10.22 3.32 26.42
C ARG B 178 -11.19 2.84 25.29
N HIS B 179 -10.65 2.59 24.12
CA HIS B 179 -11.50 2.14 23.03
C HIS B 179 -11.83 0.67 23.17
N LEU B 180 -10.79 -0.12 23.48
CA LEU B 180 -10.91 -1.55 23.60
C LEU B 180 -12.00 -1.94 24.59
N ARG B 181 -12.24 -1.06 25.56
CA ARG B 181 -13.15 -1.39 26.61
C ARG B 181 -14.61 -1.19 26.20
N GLN B 182 -14.97 -1.86 25.09
CA GLN B 182 -16.37 -2.10 24.70
C GLN B 182 -16.42 -3.18 23.65
OAD 1YE C . -4.16 3.32 -4.10
CAQ 1YE C . -3.36 2.48 -3.68
CAS 1YE C . -3.58 1.11 -3.78
CAJ 1YE C . -4.76 0.61 -4.33
CAH 1YE C . -4.91 -0.77 -4.45
CAN 1YE C . -3.91 -1.68 -4.03
CAA 1YE C . -4.07 -3.12 -4.14
CAO 1YE C . -2.74 -1.16 -3.44
CAB 1YE C . -1.71 -2.01 -2.94
CAT 1YE C . -2.66 0.21 -3.28
OAL 1YE C . -1.50 0.65 -2.77
CAU 1YE C . -1.21 1.98 -2.72
CAR 1YE C . -2.15 2.89 -3.14
CAI 1YE C . -1.81 4.26 -3.10
CAF 1YE C . -0.58 4.66 -2.58
CAG 1YE C . 0.35 3.71 -2.14
CAP 1YE C . 0.02 2.34 -2.18
CAK 1YE C . 0.94 1.34 -1.72
CAM 1YE C . 1.38 0.26 -2.74
OAE 1YE C . 1.14 0.42 -3.96
OAC 1YE C . 1.97 -0.72 -2.22
S SO4 D . 11.51 -19.85 -8.14
O1 SO4 D . 12.77 -19.47 -8.77
O2 SO4 D . 11.78 -20.61 -6.90
O3 SO4 D . 10.71 -20.71 -9.00
O4 SO4 D . 10.82 -18.58 -7.87
OAD 1YE E . 0.32 6.37 2.09
CAQ 1YE E . 0.48 5.14 2.09
CAS 1YE E . 1.62 4.56 2.57
CAJ 1YE E . 2.66 5.34 3.08
CAH 1YE E . 3.80 4.70 3.60
CAN 1YE E . 3.93 3.28 3.56
CAA 1YE E . 5.10 2.61 4.04
CAO 1YE E . 2.88 2.51 3.04
CAB 1YE E . 2.90 1.09 2.95
CAT 1YE E . 1.76 3.17 2.54
OAL 1YE E . 0.79 2.36 2.09
CAU 1YE E . -0.35 2.92 1.65
CAR 1YE E . -0.52 4.31 1.62
CAI 1YE E . -1.70 4.86 1.16
CAF 1YE E . -2.69 4.00 0.70
CAG 1YE E . -2.52 2.62 0.72
CAP 1YE E . -1.34 2.05 1.18
CAK 1YE E . -1.16 0.65 1.21
CAM 1YE E . -0.82 -0.04 2.58
OAE 1YE E . -0.38 -1.19 2.56
OAC 1YE E . -1.03 0.54 3.65
#